data_1KTR
#
_entry.id   1KTR
#
_cell.length_a   106.51
_cell.length_b   106.51
_cell.length_c   92.80
_cell.angle_alpha   90.00
_cell.angle_beta   90.00
_cell.angle_gamma   120.00
#
_symmetry.space_group_name_H-M   'P 32 2 1'
#
loop_
_entity.id
_entity.type
_entity.pdbx_description
1 polymer 'Anti-his tag antibody 3d5 variable light chain, Peptide linker, Anti-his tag antibody 3d5 variable heavy chain'
2 polymer 'Oligohistidine peptide Antigen'
3 water water
#
loop_
_entity_poly.entity_id
_entity_poly.type
_entity_poly.pdbx_seq_one_letter_code
_entity_poly.pdbx_strand_id
1 'polypeptide(L)'
;DYKDILMTQTPSSLPVSLGDQASISCRSSQSIVHSNGNTYLEWYLQKPGQSPKLLIYKVSNRFSGVPDRFSGSGSGTDFT
LKISRVEAEDLGVYYCFQGSHVPFTFGSGTKLEIKRGGGGSGGGGSGGGGSGGGGSQVQLQQSGPEDVKPGASVKISCKA
SGYTFTDYYMNWVKQSPGKGLEWIGDINPNNGGTSYNQKFKGRATLTVDKSSSTAYMELRSLTSEDSSVYYCESQSGAYW
GQGTTVTVSA
;
L
2 'polypeptide(L)' HHHHHH P
#
# COMPACT_ATOMS: atom_id res chain seq x y z
N ASP A 4 1.38 4.94 17.57
CA ASP A 4 1.09 4.13 16.35
C ASP A 4 -0.40 3.98 16.09
N ILE A 5 -0.83 4.38 14.90
CA ILE A 5 -2.23 4.31 14.54
C ILE A 5 -2.66 2.97 13.99
N LEU A 6 -3.72 2.43 14.58
CA LEU A 6 -4.25 1.13 14.18
C LEU A 6 -5.51 1.37 13.36
N MET A 7 -5.52 0.81 12.15
CA MET A 7 -6.66 0.97 11.25
C MET A 7 -7.54 -0.28 11.34
N THR A 8 -8.77 -0.08 11.78
CA THR A 8 -9.73 -1.19 11.92
C THR A 8 -10.76 -1.19 10.81
N GLN A 9 -10.71 -2.22 9.97
CA GLN A 9 -11.62 -2.35 8.84
C GLN A 9 -12.81 -3.26 9.17
N THR A 10 -13.98 -2.88 8.68
CA THR A 10 -15.22 -3.63 8.92
C THR A 10 -16.14 -3.56 7.72
N PRO A 11 -16.62 -4.71 7.23
CA PRO A 11 -16.35 -6.06 7.74
C PRO A 11 -15.17 -6.66 7.00
N SER A 12 -14.69 -7.81 7.46
CA SER A 12 -13.56 -8.47 6.81
C SER A 12 -14.06 -9.19 5.56
N SER A 13 -15.31 -9.64 5.60
CA SER A 13 -15.91 -10.33 4.47
C SER A 13 -17.21 -9.64 4.09
N LEU A 14 -17.40 -9.39 2.80
CA LEU A 14 -18.60 -8.72 2.33
C LEU A 14 -19.15 -9.35 1.05
N PRO A 15 -20.09 -10.31 1.19
CA PRO A 15 -20.71 -10.99 0.04
C PRO A 15 -21.68 -10.02 -0.61
N VAL A 16 -21.70 -9.99 -1.93
CA VAL A 16 -22.58 -9.08 -2.62
C VAL A 16 -23.04 -9.61 -3.97
N SER A 17 -24.21 -9.15 -4.40
CA SER A 17 -24.75 -9.54 -5.69
C SER A 17 -24.46 -8.37 -6.63
N LEU A 18 -24.25 -8.65 -7.91
CA LEU A 18 -23.98 -7.58 -8.85
C LEU A 18 -25.09 -6.54 -8.85
N GLY A 19 -24.72 -5.28 -9.01
CA GLY A 19 -25.69 -4.21 -9.03
C GLY A 19 -26.05 -3.69 -7.67
N ASP A 20 -25.65 -4.41 -6.63
CA ASP A 20 -25.94 -3.99 -5.26
C ASP A 20 -24.98 -2.94 -4.76
N GLN A 21 -25.23 -2.45 -3.55
CA GLN A 21 -24.37 -1.44 -2.97
C GLN A 21 -23.56 -1.99 -1.80
N ALA A 22 -22.25 -1.80 -1.86
CA ALA A 22 -21.37 -2.26 -0.79
C ALA A 22 -20.90 -1.07 0.01
N SER A 23 -20.69 -1.27 1.31
CA SER A 23 -20.25 -0.20 2.18
C SER A 23 -19.20 -0.75 3.15
N ILE A 24 -17.99 -0.21 3.06
CA ILE A 24 -16.89 -0.65 3.91
C ILE A 24 -16.51 0.44 4.90
N SER A 25 -16.25 0.04 6.14
CA SER A 25 -15.87 0.99 7.18
C SER A 25 -14.43 0.83 7.61
N CYS A 26 -13.86 1.94 8.05
CA CYS A 26 -12.49 1.96 8.52
C CYS A 26 -12.44 2.95 9.66
N ARG A 27 -11.75 2.58 10.74
CA ARG A 27 -11.65 3.44 11.90
C ARG A 27 -10.21 3.47 12.39
N SER A 28 -9.71 4.67 12.70
CA SER A 28 -8.35 4.82 13.18
C SER A 28 -8.34 4.89 14.70
N SER A 29 -7.32 4.29 15.31
CA SER A 29 -7.18 4.29 16.75
C SER A 29 -7.11 5.71 17.28
N GLN A 30 -6.74 6.65 16.42
CA GLN A 30 -6.67 8.05 16.79
C GLN A 30 -6.76 8.92 15.56
N SER A 31 -7.08 10.19 15.76
CA SER A 31 -7.24 11.14 14.66
C SER A 31 -6.13 11.09 13.61
N ILE A 32 -6.52 11.09 12.34
CA ILE A 32 -5.53 11.09 11.28
C ILE A 32 -5.57 12.41 10.53
N VAL A 33 -6.00 13.45 11.23
CA VAL A 33 -6.03 14.78 10.65
C VAL A 33 -4.58 15.24 10.76
N HIS A 34 -3.96 15.55 9.62
CA HIS A 34 -2.57 15.99 9.62
C HIS A 34 -2.55 17.46 9.99
N SER A 35 -1.41 17.94 10.49
CA SER A 35 -1.33 19.34 10.89
C SER A 35 -1.50 20.34 9.75
N ASN A 36 -1.29 19.91 8.50
CA ASN A 36 -1.44 20.83 7.38
C ASN A 36 -2.88 21.00 6.95
N GLY A 37 -3.79 20.30 7.61
CA GLY A 37 -5.20 20.41 7.27
C GLY A 37 -5.76 19.23 6.48
N ASN A 38 -4.90 18.46 5.84
CA ASN A 38 -5.37 17.31 5.07
C ASN A 38 -5.56 16.09 5.97
N THR A 39 -6.32 15.13 5.46
CA THR A 39 -6.52 13.87 6.17
C THR A 39 -6.16 12.84 5.10
N TYR A 40 -4.95 12.31 5.24
CA TYR A 40 -4.40 11.36 4.28
C TYR A 40 -4.95 9.94 4.37
N LEU A 41 -6.27 9.82 4.20
CA LEU A 41 -6.91 8.51 4.23
C LEU A 41 -7.09 8.03 2.79
N GLU A 42 -6.60 6.82 2.52
CA GLU A 42 -6.67 6.26 1.17
C GLU A 42 -7.36 4.89 1.10
N TRP A 43 -7.99 4.61 -0.04
CA TRP A 43 -8.66 3.32 -0.26
C TRP A 43 -8.02 2.61 -1.45
N TYR A 44 -7.65 1.35 -1.23
CA TYR A 44 -7.03 0.53 -2.26
C TYR A 44 -7.82 -0.73 -2.57
N LEU A 45 -7.74 -1.17 -3.82
CA LEU A 45 -8.41 -2.38 -4.25
C LEU A 45 -7.35 -3.31 -4.82
N GLN A 46 -7.29 -4.53 -4.31
CA GLN A 46 -6.32 -5.48 -4.80
C GLN A 46 -6.97 -6.75 -5.32
N LYS A 47 -6.76 -7.01 -6.61
CA LYS A 47 -7.29 -8.20 -7.26
C LYS A 47 -6.23 -9.29 -7.06
N PRO A 48 -6.66 -10.56 -6.93
CA PRO A 48 -5.71 -11.66 -6.74
C PRO A 48 -4.56 -11.68 -7.74
N GLY A 49 -3.35 -11.87 -7.22
CA GLY A 49 -2.19 -11.94 -8.08
C GLY A 49 -1.67 -10.59 -8.56
N GLN A 50 -2.37 -9.52 -8.22
CA GLN A 50 -1.98 -8.19 -8.63
C GLN A 50 -1.53 -7.30 -7.49
N SER A 51 -1.07 -6.10 -7.84
CA SER A 51 -0.64 -5.13 -6.84
C SER A 51 -1.86 -4.32 -6.44
N PRO A 52 -1.78 -3.63 -5.30
CA PRO A 52 -2.93 -2.81 -4.88
C PRO A 52 -3.06 -1.62 -5.82
N LYS A 53 -4.28 -1.16 -6.03
CA LYS A 53 -4.50 -0.01 -6.90
C LYS A 53 -5.24 1.07 -6.13
N LEU A 54 -4.80 2.31 -6.29
CA LEU A 54 -5.39 3.45 -5.59
C LEU A 54 -6.78 3.78 -6.13
N LEU A 55 -7.72 3.98 -5.21
CA LEU A 55 -9.08 4.32 -5.60
C LEU A 55 -9.46 5.71 -5.10
N ILE A 56 -9.24 5.93 -3.80
CA ILE A 56 -9.57 7.19 -3.15
C ILE A 56 -8.39 7.67 -2.31
N TYR A 57 -8.14 8.98 -2.33
CA TYR A 57 -7.08 9.55 -1.51
C TYR A 57 -7.62 10.82 -0.85
N LYS A 58 -6.99 11.21 0.26
CA LYS A 58 -7.43 12.38 1.02
C LYS A 58 -8.92 12.29 1.35
N VAL A 59 -9.31 11.10 1.80
CA VAL A 59 -10.69 10.81 2.20
C VAL A 59 -11.71 10.67 1.07
N SER A 60 -11.76 11.63 0.16
CA SER A 60 -12.77 11.60 -0.88
C SER A 60 -12.35 11.86 -2.33
N ASN A 61 -11.07 12.09 -2.59
CA ASN A 61 -10.67 12.33 -3.97
C ASN A 61 -10.61 11.02 -4.73
N ARG A 62 -11.21 10.99 -5.92
CA ARG A 62 -11.20 9.80 -6.74
C ARG A 62 -9.99 9.87 -7.65
N PHE A 63 -9.21 8.80 -7.69
CA PHE A 63 -8.03 8.77 -8.53
C PHE A 63 -8.46 8.86 -9.98
N SER A 64 -7.63 9.48 -10.81
CA SER A 64 -7.95 9.62 -12.22
C SER A 64 -8.25 8.25 -12.83
N GLY A 65 -9.47 8.06 -13.32
CA GLY A 65 -9.83 6.80 -13.92
C GLY A 65 -10.84 5.99 -13.11
N VAL A 66 -10.98 6.31 -11.83
CA VAL A 66 -11.92 5.58 -10.99
C VAL A 66 -13.32 6.20 -11.12
N PRO A 67 -14.32 5.35 -11.42
CA PRO A 67 -15.72 5.77 -11.59
C PRO A 67 -16.33 6.29 -10.29
N ASP A 68 -17.20 7.28 -10.38
CA ASP A 68 -17.80 7.81 -9.16
C ASP A 68 -18.77 6.84 -8.50
N ARG A 69 -18.70 5.58 -8.91
CA ARG A 69 -19.52 4.56 -8.29
C ARG A 69 -18.86 4.40 -6.92
N PHE A 70 -17.54 4.60 -6.91
CA PHE A 70 -16.73 4.52 -5.70
C PHE A 70 -16.77 5.89 -5.04
N SER A 71 -17.12 5.92 -3.76
CA SER A 71 -17.21 7.17 -3.05
C SER A 71 -16.66 7.09 -1.63
N GLY A 72 -15.74 8.00 -1.30
CA GLY A 72 -15.16 8.00 0.01
C GLY A 72 -15.67 9.15 0.84
N SER A 73 -15.86 8.92 2.13
CA SER A 73 -16.34 9.95 3.04
C SER A 73 -15.78 9.62 4.41
N GLY A 74 -16.08 10.47 5.38
CA GLY A 74 -15.58 10.23 6.73
C GLY A 74 -14.92 11.45 7.34
N SER A 75 -14.46 11.31 8.57
CA SER A 75 -13.83 12.42 9.28
C SER A 75 -13.24 12.00 10.63
N GLY A 76 -12.12 12.62 10.99
CA GLY A 76 -11.47 12.32 12.26
C GLY A 76 -10.92 10.92 12.42
N THR A 77 -11.78 9.99 12.78
CA THR A 77 -11.38 8.59 12.98
C THR A 77 -12.37 7.65 12.31
N ASP A 78 -13.40 8.21 11.69
CA ASP A 78 -14.43 7.42 11.02
C ASP A 78 -14.47 7.62 9.52
N PHE A 79 -14.30 6.55 8.77
CA PHE A 79 -14.30 6.63 7.32
C PHE A 79 -15.10 5.53 6.67
N THR A 80 -15.66 5.86 5.50
CA THR A 80 -16.49 4.91 4.79
C THR A 80 -16.25 4.94 3.28
N LEU A 81 -16.23 3.76 2.68
CA LEU A 81 -16.08 3.64 1.23
C LEU A 81 -17.37 3.01 0.76
N LYS A 82 -18.02 3.63 -0.21
CA LYS A 82 -19.28 3.09 -0.73
C LYS A 82 -19.19 2.81 -2.21
N ILE A 83 -19.61 1.62 -2.60
CA ILE A 83 -19.60 1.23 -4.00
C ILE A 83 -21.05 0.99 -4.37
N SER A 84 -21.61 1.87 -5.20
CA SER A 84 -22.98 1.71 -5.63
C SER A 84 -22.96 0.87 -6.90
N ARG A 85 -23.98 0.04 -7.08
CA ARG A 85 -24.07 -0.81 -8.25
C ARG A 85 -22.74 -1.51 -8.52
N VAL A 86 -22.43 -2.49 -7.67
CA VAL A 86 -21.20 -3.25 -7.79
C VAL A 86 -21.09 -3.98 -9.13
N GLU A 87 -19.88 -4.04 -9.66
CA GLU A 87 -19.61 -4.72 -10.92
C GLU A 87 -18.59 -5.83 -10.71
N ALA A 88 -18.48 -6.74 -11.68
CA ALA A 88 -17.55 -7.85 -11.57
C ALA A 88 -16.11 -7.38 -11.35
N GLU A 89 -15.78 -6.25 -11.96
CA GLU A 89 -14.44 -5.67 -11.86
C GLU A 89 -14.13 -5.17 -10.46
N ASP A 90 -15.15 -4.94 -9.65
CA ASP A 90 -14.94 -4.45 -8.30
C ASP A 90 -14.54 -5.54 -7.32
N LEU A 91 -14.79 -6.79 -7.67
CA LEU A 91 -14.47 -7.91 -6.80
C LEU A 91 -12.97 -8.03 -6.49
N GLY A 92 -12.66 -8.17 -5.21
CA GLY A 92 -11.28 -8.28 -4.76
C GLY A 92 -11.20 -7.84 -3.31
N VAL A 93 -9.99 -7.56 -2.82
CA VAL A 93 -9.83 -7.13 -1.44
C VAL A 93 -9.55 -5.63 -1.31
N TYR A 94 -10.35 -4.96 -0.48
CA TYR A 94 -10.23 -3.53 -0.26
C TYR A 94 -9.45 -3.23 1.02
N TYR A 95 -8.60 -2.21 0.95
CA TYR A 95 -7.81 -1.82 2.11
C TYR A 95 -7.84 -0.32 2.32
N CYS A 96 -7.95 0.10 3.57
CA CYS A 96 -7.87 1.52 3.87
C CYS A 96 -6.45 1.75 4.33
N PHE A 97 -6.02 2.99 4.25
CA PHE A 97 -4.65 3.32 4.61
C PHE A 97 -4.55 4.75 5.10
N GLN A 98 -3.72 4.97 6.12
CA GLN A 98 -3.53 6.33 6.61
C GLN A 98 -2.07 6.69 6.37
N GLY A 99 -1.86 7.84 5.75
CA GLY A 99 -0.53 8.31 5.46
C GLY A 99 -0.31 9.67 6.10
N SER A 100 -0.99 9.89 7.22
CA SER A 100 -0.87 11.13 7.96
C SER A 100 0.25 11.09 8.99
N HIS A 101 0.40 9.94 9.65
CA HIS A 101 1.43 9.81 10.68
C HIS A 101 2.33 8.58 10.53
N VAL A 102 3.64 8.83 10.53
CA VAL A 102 4.62 7.75 10.41
C VAL A 102 4.61 6.92 11.70
N PRO A 103 4.57 5.59 11.57
CA PRO A 103 4.54 4.85 10.31
C PRO A 103 3.14 4.76 9.72
N PHE A 104 3.03 4.86 8.40
CA PHE A 104 1.73 4.77 7.75
C PHE A 104 1.23 3.33 7.94
N THR A 105 -0.08 3.17 8.07
CA THR A 105 -0.63 1.83 8.30
C THR A 105 -1.87 1.48 7.51
N PHE A 106 -2.04 0.18 7.23
CA PHE A 106 -3.19 -0.29 6.48
C PHE A 106 -4.20 -1.01 7.36
N GLY A 107 -5.42 -1.15 6.84
CA GLY A 107 -6.45 -1.86 7.57
C GLY A 107 -6.24 -3.34 7.28
N SER A 108 -6.99 -4.20 7.96
CA SER A 108 -6.84 -5.64 7.77
C SER A 108 -7.42 -6.13 6.44
N GLY A 109 -8.30 -5.33 5.84
CA GLY A 109 -8.86 -5.71 4.55
C GLY A 109 -10.31 -6.20 4.54
N THR A 110 -10.96 -6.01 3.40
CA THR A 110 -12.34 -6.43 3.21
C THR A 110 -12.44 -7.19 1.90
N LYS A 111 -12.85 -8.44 1.99
CA LYS A 111 -12.99 -9.30 0.82
C LYS A 111 -14.39 -9.10 0.22
N LEU A 112 -14.43 -8.40 -0.91
CA LEU A 112 -15.69 -8.14 -1.60
C LEU A 112 -15.87 -9.28 -2.61
N GLU A 113 -16.72 -10.24 -2.28
CA GLU A 113 -16.95 -11.37 -3.16
C GLU A 113 -18.41 -11.52 -3.58
N ILE A 114 -18.62 -12.20 -4.70
CA ILE A 114 -19.95 -12.40 -5.26
C ILE A 114 -20.75 -13.48 -4.51
N LYS A 115 -22.06 -13.25 -4.37
CA LYS A 115 -22.94 -14.22 -3.72
C LYS A 115 -23.20 -15.32 -4.74
N ARG A 116 -23.08 -16.58 -4.34
CA ARG A 116 -23.27 -17.69 -5.27
C ARG A 116 -24.62 -18.38 -5.29
N GLY A 117 -24.88 -19.11 -6.37
CA GLY A 117 -26.13 -19.84 -6.51
C GLY A 117 -26.96 -19.38 -7.71
N GLY A 118 -27.85 -20.25 -8.17
CA GLY A 118 -28.70 -19.90 -9.30
C GLY A 118 -27.96 -19.88 -10.62
N GLN A 137 4.29 6.35 -20.72
CA GLN A 137 3.52 5.61 -19.69
C GLN A 137 4.38 5.31 -18.46
N VAL A 138 3.90 5.73 -17.30
CA VAL A 138 4.64 5.53 -16.05
C VAL A 138 4.55 4.11 -15.50
N GLN A 139 5.69 3.56 -15.13
CA GLN A 139 5.72 2.23 -14.58
C GLN A 139 6.91 1.97 -13.65
N LEU A 140 6.69 1.06 -12.69
CA LEU A 140 7.71 0.68 -11.72
C LEU A 140 8.04 -0.79 -11.90
N GLN A 141 9.27 -1.10 -12.32
CA GLN A 141 9.69 -2.47 -12.53
C GLN A 141 10.61 -3.01 -11.45
N GLN A 142 10.13 -4.01 -10.71
CA GLN A 142 10.90 -4.61 -9.64
C GLN A 142 11.69 -5.82 -10.10
N SER A 143 12.82 -6.06 -9.43
CA SER A 143 13.70 -7.17 -9.76
C SER A 143 13.14 -8.56 -9.40
N GLY A 144 13.77 -9.58 -9.98
CA GLY A 144 13.32 -10.95 -9.78
C GLY A 144 13.27 -11.47 -8.36
N PRO A 145 12.52 -12.57 -8.13
CA PRO A 145 12.37 -13.18 -6.81
C PRO A 145 13.71 -13.64 -6.24
N GLU A 146 13.82 -13.62 -4.91
CA GLU A 146 15.04 -13.99 -4.23
C GLU A 146 14.81 -15.10 -3.22
N ASP A 147 15.71 -16.08 -3.22
CA ASP A 147 15.63 -17.18 -2.27
C ASP A 147 16.93 -17.14 -1.48
N VAL A 148 16.82 -16.82 -0.19
CA VAL A 148 18.01 -16.71 0.64
C VAL A 148 17.92 -17.52 1.94
N LYS A 149 19.07 -17.75 2.54
CA LYS A 149 19.16 -18.51 3.79
C LYS A 149 18.98 -17.55 4.97
N PRO A 150 18.50 -18.06 6.11
CA PRO A 150 18.31 -17.20 7.28
C PRO A 150 19.61 -16.48 7.66
N GLY A 151 19.50 -15.28 8.19
CA GLY A 151 20.67 -14.53 8.59
C GLY A 151 21.32 -13.81 7.42
N ALA A 152 20.94 -14.19 6.20
CA ALA A 152 21.49 -13.55 5.01
C ALA A 152 20.85 -12.18 4.80
N SER A 153 21.29 -11.51 3.75
CA SER A 153 20.80 -10.18 3.43
C SER A 153 20.34 -10.16 1.98
N VAL A 154 19.39 -9.30 1.64
CA VAL A 154 18.90 -9.24 0.26
C VAL A 154 18.76 -7.80 -0.23
N LYS A 155 18.90 -7.60 -1.53
CA LYS A 155 18.78 -6.27 -2.13
C LYS A 155 17.94 -6.32 -3.39
N ILE A 156 16.76 -5.70 -3.34
CA ILE A 156 15.87 -5.67 -4.49
C ILE A 156 15.75 -4.26 -5.07
N SER A 157 15.52 -4.18 -6.38
CA SER A 157 15.42 -2.90 -7.04
C SER A 157 14.06 -2.58 -7.63
N CYS A 158 13.88 -1.29 -7.94
CA CYS A 158 12.65 -0.76 -8.47
C CYS A 158 13.04 0.31 -9.48
N LYS A 159 13.00 -0.05 -10.76
CA LYS A 159 13.36 0.86 -11.84
C LYS A 159 12.13 1.68 -12.21
N ALA A 160 12.25 3.00 -12.15
CA ALA A 160 11.15 3.89 -12.48
C ALA A 160 11.29 4.49 -13.87
N SER A 161 10.16 4.81 -14.49
CA SER A 161 10.17 5.40 -15.82
C SER A 161 8.83 6.03 -16.18
N GLY A 162 8.85 7.02 -17.07
CA GLY A 162 7.63 7.67 -17.48
C GLY A 162 7.32 8.92 -16.69
N TYR A 163 8.12 9.21 -15.67
CA TYR A 163 7.92 10.40 -14.87
C TYR A 163 9.27 10.80 -14.29
N THR A 164 9.32 11.93 -13.59
CA THR A 164 10.56 12.39 -13.01
C THR A 164 10.81 11.76 -11.65
N PHE A 165 11.59 10.68 -11.67
CA PHE A 165 11.94 9.90 -10.49
C PHE A 165 12.19 10.71 -9.22
N THR A 166 12.89 11.82 -9.36
CA THR A 166 13.23 12.66 -8.21
C THR A 166 12.16 13.64 -7.74
N ASP A 167 11.02 13.69 -8.41
CA ASP A 167 9.97 14.60 -7.99
C ASP A 167 9.00 13.98 -6.98
N TYR A 168 9.14 12.68 -6.73
CA TYR A 168 8.24 11.99 -5.81
C TYR A 168 8.95 11.04 -4.85
N TYR A 169 8.41 10.90 -3.66
CA TYR A 169 8.98 9.99 -2.68
C TYR A 169 8.72 8.55 -3.13
N MET A 170 9.63 7.64 -2.81
CA MET A 170 9.45 6.25 -3.17
C MET A 170 9.13 5.47 -1.89
N ASN A 171 8.01 4.77 -1.89
CA ASN A 171 7.58 3.97 -0.74
C ASN A 171 7.83 2.49 -0.96
N TRP A 172 8.02 1.76 0.13
CA TRP A 172 8.22 0.32 0.07
C TRP A 172 7.19 -0.33 0.99
N VAL A 173 6.45 -1.29 0.47
CA VAL A 173 5.43 -1.96 1.23
C VAL A 173 5.63 -3.48 1.25
N LYS A 174 5.41 -4.08 2.41
CA LYS A 174 5.56 -5.51 2.59
C LYS A 174 4.19 -6.16 2.66
N GLN A 175 4.05 -7.31 2.02
CA GLN A 175 2.80 -8.02 2.05
C GLN A 175 3.04 -9.49 2.35
N SER A 176 2.42 -9.96 3.43
CA SER A 176 2.54 -11.36 3.83
C SER A 176 1.20 -11.80 4.39
N PRO A 177 0.83 -13.07 4.23
CA PRO A 177 -0.46 -13.52 4.76
C PRO A 177 -0.51 -13.27 6.27
N GLY A 178 0.67 -13.28 6.89
CA GLY A 178 0.79 -13.06 8.32
C GLY A 178 0.13 -11.78 8.81
N LYS A 179 0.56 -10.63 8.31
CA LYS A 179 -0.03 -9.36 8.74
C LYS A 179 -0.44 -8.43 7.59
N GLY A 180 -0.94 -9.02 6.51
CA GLY A 180 -1.37 -8.22 5.37
C GLY A 180 -0.33 -7.22 4.89
N LEU A 181 -0.77 -5.98 4.66
CA LEU A 181 0.11 -4.91 4.18
C LEU A 181 0.78 -4.08 5.26
N GLU A 182 2.09 -3.87 5.14
CA GLU A 182 2.84 -3.06 6.08
C GLU A 182 3.76 -2.08 5.35
N TRP A 183 3.76 -0.84 5.82
CA TRP A 183 4.60 0.19 5.23
C TRP A 183 5.98 0.06 5.86
N ILE A 184 6.99 -0.11 5.02
CA ILE A 184 8.37 -0.26 5.50
C ILE A 184 9.04 1.10 5.74
N GLY A 185 8.89 1.99 4.76
CA GLY A 185 9.49 3.31 4.88
C GLY A 185 9.51 3.96 3.51
N ASP A 186 10.10 5.14 3.42
CA ASP A 186 10.19 5.82 2.13
C ASP A 186 11.48 6.61 2.01
N ILE A 187 11.73 7.14 0.82
CA ILE A 187 12.93 7.92 0.58
C ILE A 187 12.65 9.00 -0.45
N ASN A 188 13.25 10.17 -0.24
CA ASN A 188 13.14 11.30 -1.16
C ASN A 188 14.30 11.06 -2.13
N PRO A 189 14.02 10.55 -3.34
CA PRO A 189 15.07 10.27 -4.33
C PRO A 189 15.94 11.46 -4.65
N ASN A 190 15.42 12.66 -4.45
CA ASN A 190 16.16 13.86 -4.75
C ASN A 190 17.27 14.22 -3.76
N ASN A 191 17.00 14.09 -2.47
CA ASN A 191 17.98 14.43 -1.46
C ASN A 191 18.38 13.33 -0.49
N GLY A 192 17.81 12.14 -0.65
CA GLY A 192 18.14 11.03 0.21
C GLY A 192 17.46 10.97 1.57
N GLY A 193 16.59 11.95 1.85
CA GLY A 193 15.89 11.96 3.13
C GLY A 193 15.05 10.70 3.29
N THR A 194 15.13 10.07 4.46
CA THR A 194 14.37 8.85 4.67
C THR A 194 13.41 8.87 5.85
N SER A 195 12.52 7.90 5.85
CA SER A 195 11.53 7.73 6.90
C SER A 195 11.31 6.22 7.04
N TYR A 196 11.55 5.67 8.23
CA TYR A 196 11.42 4.23 8.46
C TYR A 196 10.39 3.81 9.51
N ASN A 197 9.86 2.62 9.33
CA ASN A 197 8.91 2.02 10.26
C ASN A 197 9.81 1.32 11.28
N GLN A 198 9.78 1.77 12.53
CA GLN A 198 10.64 1.18 13.56
C GLN A 198 10.52 -0.33 13.71
N LYS A 199 9.38 -0.90 13.34
CA LYS A 199 9.20 -2.34 13.48
C LYS A 199 10.26 -3.17 12.77
N PHE A 200 10.96 -2.56 11.81
CA PHE A 200 11.99 -3.26 11.07
C PHE A 200 13.38 -3.11 11.69
N LYS A 201 13.42 -2.35 12.78
CA LYS A 201 14.64 -2.12 13.55
C LYS A 201 15.92 -1.86 12.77
N GLY A 202 15.89 -0.90 11.87
CA GLY A 202 17.06 -0.54 11.10
C GLY A 202 17.61 -1.61 10.17
N ARG A 203 16.98 -2.77 10.10
CA ARG A 203 17.46 -3.83 9.22
C ARG A 203 17.24 -3.48 7.75
N ALA A 204 16.38 -2.50 7.50
CA ALA A 204 16.08 -2.08 6.14
C ALA A 204 16.80 -0.79 5.79
N THR A 205 17.40 -0.74 4.61
CA THR A 205 18.09 0.45 4.17
C THR A 205 17.62 0.83 2.78
N LEU A 206 17.07 2.03 2.66
CA LEU A 206 16.58 2.52 1.38
C LEU A 206 17.61 3.42 0.73
N THR A 207 17.95 3.11 -0.52
CA THR A 207 18.91 3.92 -1.25
C THR A 207 18.35 4.23 -2.63
N VAL A 208 19.11 4.97 -3.42
CA VAL A 208 18.64 5.35 -4.74
C VAL A 208 19.79 5.58 -5.72
N ASP A 209 19.50 5.51 -7.01
CA ASP A 209 20.50 5.78 -8.04
C ASP A 209 19.85 6.69 -9.06
N LYS A 210 20.21 7.96 -9.02
CA LYS A 210 19.65 8.95 -9.93
C LYS A 210 19.89 8.63 -11.40
N SER A 211 21.15 8.35 -11.74
CA SER A 211 21.49 8.06 -13.12
C SER A 211 20.54 7.08 -13.81
N SER A 212 20.09 6.05 -13.10
CA SER A 212 19.20 5.06 -13.70
C SER A 212 17.75 5.09 -13.19
N SER A 213 17.42 6.11 -12.39
CA SER A 213 16.09 6.26 -11.83
C SER A 213 15.64 4.97 -11.18
N THR A 214 16.51 4.40 -10.36
CA THR A 214 16.21 3.15 -9.68
C THR A 214 16.30 3.26 -8.16
N ALA A 215 15.29 2.75 -7.47
CA ALA A 215 15.27 2.76 -6.02
C ALA A 215 15.67 1.35 -5.56
N TYR A 216 16.30 1.24 -4.39
CA TYR A 216 16.73 -0.05 -3.88
C TYR A 216 16.35 -0.23 -2.43
N MET A 217 16.16 -1.48 -2.03
CA MET A 217 15.84 -1.79 -0.65
C MET A 217 16.71 -2.96 -0.18
N GLU A 218 17.47 -2.73 0.88
CA GLU A 218 18.33 -3.75 1.45
C GLU A 218 17.77 -4.19 2.80
N LEU A 219 17.55 -5.48 2.95
CA LEU A 219 17.03 -6.01 4.22
C LEU A 219 18.03 -7.05 4.70
N ARG A 220 18.57 -6.85 5.90
CA ARG A 220 19.55 -7.79 6.43
C ARG A 220 19.08 -8.57 7.66
N SER A 221 19.82 -9.65 7.98
CA SER A 221 19.50 -10.53 9.11
C SER A 221 18.11 -11.13 8.94
N LEU A 222 17.87 -11.67 7.76
CA LEU A 222 16.57 -12.25 7.41
C LEU A 222 16.21 -13.53 8.13
N THR A 223 14.93 -13.63 8.50
CA THR A 223 14.40 -14.81 9.16
C THR A 223 13.20 -15.21 8.32
N SER A 224 12.57 -16.33 8.65
CA SER A 224 11.41 -16.78 7.89
C SER A 224 10.33 -15.71 7.89
N GLU A 225 10.31 -14.87 8.92
CA GLU A 225 9.31 -13.81 9.03
C GLU A 225 9.47 -12.72 7.96
N ASP A 226 10.61 -12.70 7.30
CA ASP A 226 10.83 -11.70 6.27
C ASP A 226 10.36 -12.19 4.90
N SER A 227 9.94 -13.46 4.84
CA SER A 227 9.45 -14.02 3.60
C SER A 227 8.13 -13.35 3.27
N SER A 228 8.10 -12.60 2.16
CA SER A 228 6.90 -11.88 1.74
C SER A 228 7.07 -11.35 0.33
N VAL A 229 6.07 -10.59 -0.10
CA VAL A 229 6.12 -9.95 -1.39
C VAL A 229 6.44 -8.51 -1.02
N TYR A 230 7.43 -7.93 -1.68
CA TYR A 230 7.80 -6.55 -1.39
C TYR A 230 7.45 -5.68 -2.58
N TYR A 231 6.80 -4.54 -2.28
CA TYR A 231 6.38 -3.62 -3.33
C TYR A 231 7.05 -2.26 -3.18
N CYS A 232 7.20 -1.57 -4.31
CA CYS A 232 7.71 -0.20 -4.28
C CYS A 232 6.50 0.54 -4.85
N GLU A 233 6.27 1.74 -4.35
CA GLU A 233 5.13 2.51 -4.79
C GLU A 233 5.47 3.98 -4.72
N SER A 234 5.08 4.72 -5.76
CA SER A 234 5.36 6.15 -5.78
C SER A 234 4.14 6.99 -6.14
N GLN A 235 4.34 8.30 -6.21
CA GLN A 235 3.29 9.27 -6.49
C GLN A 235 2.11 8.97 -5.57
N SER A 236 2.41 8.95 -4.27
CA SER A 236 1.44 8.69 -3.23
C SER A 236 0.50 7.52 -3.50
N GLY A 237 1.08 6.36 -3.80
CA GLY A 237 0.29 5.17 -4.04
C GLY A 237 -0.45 5.08 -5.36
N ALA A 238 -0.13 5.96 -6.29
CA ALA A 238 -0.79 5.93 -7.60
C ALA A 238 -0.17 4.90 -8.53
N TYR A 239 1.07 4.53 -8.25
CA TYR A 239 1.79 3.56 -9.07
C TYR A 239 2.57 2.56 -8.24
N TRP A 240 2.40 1.28 -8.56
CA TRP A 240 3.07 0.21 -7.84
C TRP A 240 3.88 -0.70 -8.78
N GLY A 241 4.87 -1.40 -8.21
CA GLY A 241 5.64 -2.35 -8.98
C GLY A 241 4.85 -3.65 -8.94
N GLN A 242 5.26 -4.68 -9.67
CA GLN A 242 4.54 -5.95 -9.65
C GLN A 242 4.89 -6.74 -8.41
N GLY A 243 5.80 -6.20 -7.61
CA GLY A 243 6.20 -6.87 -6.39
C GLY A 243 7.35 -7.84 -6.62
N THR A 244 8.08 -8.12 -5.55
CA THR A 244 9.20 -9.05 -5.58
C THR A 244 9.04 -10.02 -4.43
N THR A 245 9.10 -11.32 -4.72
CA THR A 245 8.97 -12.32 -3.68
C THR A 245 10.32 -12.72 -3.11
N VAL A 246 10.45 -12.58 -1.80
CA VAL A 246 11.68 -12.96 -1.11
C VAL A 246 11.30 -14.11 -0.18
N THR A 247 11.90 -15.26 -0.43
CA THR A 247 11.63 -16.44 0.40
C THR A 247 12.84 -16.78 1.24
N VAL A 248 12.63 -16.83 2.55
CA VAL A 248 13.73 -17.15 3.45
C VAL A 248 13.55 -18.55 4.01
N SER A 249 14.40 -19.47 3.57
CA SER A 249 14.34 -20.83 4.03
C SER A 249 15.71 -21.37 4.35
N ALA A 250 15.81 -22.08 5.47
CA ALA A 250 17.09 -22.65 5.90
C ALA A 250 17.65 -23.64 4.86
N HIS B 3 5.66 15.40 10.99
CA HIS B 3 5.09 16.27 9.92
C HIS B 3 5.03 15.56 8.56
N HIS B 4 5.89 14.57 8.36
CA HIS B 4 5.93 13.83 7.10
C HIS B 4 4.66 13.04 6.78
N HIS B 5 4.21 13.10 5.53
CA HIS B 5 3.00 12.38 5.13
C HIS B 5 3.18 11.67 3.77
N HIS B 6 2.22 10.80 3.45
CA HIS B 6 2.28 10.04 2.19
C HIS B 6 1.99 10.93 0.98
#